data_5DNF
#
_entry.id   5DNF
#
_cell.length_a   121.190
_cell.length_b   210.063
_cell.length_c   123.827
_cell.angle_alpha   90.00
_cell.angle_beta   90.00
_cell.angle_gamma   90.00
#
_symmetry.space_group_name_H-M   'C 2 2 2'
#
loop_
_entity.id
_entity.type
_entity.pdbx_description
1 polymer 'C-C motif chemokine 5'
2 branched '2-deoxy-6-O-sulfo-2-(sulfoamino)-alpha-D-glucopyranose-(1-4)-2-O-sulfo-alpha-L-idopyranuronic acid-(1-4)-2-deoxy-6-O-sulfo-2-(sulfoamino)-alpha-D-glucopyranose'
3 non-polymer alpha-D-galactopyranose
4 non-polymer beta-D-glucopyranose
5 non-polymer 'SULFATE ION'
6 non-polymer 'CHLORIDE ION'
7 non-polymer 2-AMINO-2-HYDROXYMETHYL-PROPANE-1,3-DIOL
8 water water
#
_entity_poly.entity_id   1
_entity_poly.type   'polypeptide(L)'
_entity_poly.pdbx_seq_one_letter_code
;SSDTTPCCFAYIARPLPRAHIKEYFYTSGKCSNPAVVFVTRKNRQVCANPEKKWVREYINSLEMS
;
_entity_poly.pdbx_strand_id   A,B,C,D,E,F,G,H,I
#
# COMPACT_ATOMS: atom_id res chain seq x y z
N SER A 1 -9.28 29.05 -2.39
CA SER A 1 -10.13 27.91 -2.18
C SER A 1 -10.97 28.08 -0.93
N SER A 2 -12.06 27.33 -0.92
CA SER A 2 -13.07 27.43 0.11
C SER A 2 -13.40 26.08 0.74
N ASP A 3 -13.67 26.07 2.04
CA ASP A 3 -14.08 24.84 2.71
C ASP A 3 -15.57 24.82 3.02
N THR A 4 -16.32 25.71 2.37
CA THR A 4 -17.78 25.62 2.41
C THR A 4 -18.23 24.58 1.37
N THR A 5 -19.44 24.08 1.54
CA THR A 5 -19.96 23.05 0.64
C THR A 5 -21.31 23.47 0.06
N PRO A 6 -21.46 23.37 -1.26
CA PRO A 6 -22.74 23.67 -1.91
C PRO A 6 -23.82 22.65 -1.54
N CYS A 7 -24.82 23.10 -0.79
CA CYS A 7 -25.93 22.22 -0.40
C CYS A 7 -27.27 22.71 -0.95
N CYS A 8 -28.18 21.78 -1.19
CA CYS A 8 -29.50 22.11 -1.69
C CYS A 8 -30.58 21.91 -0.63
N PHE A 9 -31.64 22.69 -0.73
CA PHE A 9 -32.77 22.55 0.19
C PHE A 9 -34.08 22.59 -0.55
N ALA A 10 -34.00 22.84 -1.86
CA ALA A 10 -35.18 22.82 -2.71
C ALA A 10 -34.81 22.37 -4.11
N TYR A 11 -35.74 21.69 -4.77
CA TYR A 11 -35.56 21.22 -6.14
C TYR A 11 -36.32 22.11 -7.11
N ILE A 12 -35.71 22.45 -8.24
CA ILE A 12 -36.38 23.25 -9.24
C ILE A 12 -37.62 22.54 -9.76
N ALA A 13 -38.69 23.28 -9.97
CA ALA A 13 -39.98 22.70 -10.36
C ALA A 13 -40.02 22.39 -11.85
N ARG A 14 -39.62 23.38 -12.65
CA ARG A 14 -39.63 23.22 -14.10
C ARG A 14 -38.28 22.72 -14.60
N PRO A 15 -38.29 21.62 -15.37
CA PRO A 15 -37.08 21.07 -15.97
C PRO A 15 -36.31 22.12 -16.76
N LEU A 16 -35.01 22.24 -16.49
CA LEU A 16 -34.15 23.16 -17.21
C LEU A 16 -34.04 22.77 -18.67
N PRO A 17 -33.86 23.76 -19.55
CA PRO A 17 -33.59 23.46 -20.96
C PRO A 17 -32.22 22.77 -21.10
N ARG A 18 -32.23 21.57 -21.66
CA ARG A 18 -31.02 20.74 -21.75
C ARG A 18 -29.82 21.47 -22.35
N ALA A 19 -30.08 22.29 -23.36
CA ALA A 19 -29.02 22.99 -24.07
C ALA A 19 -28.39 24.10 -23.23
N HIS A 20 -28.89 24.30 -22.01
CA HIS A 20 -28.31 25.30 -21.12
C HIS A 20 -27.36 24.66 -20.12
N ILE A 21 -27.49 23.34 -19.95
CA ILE A 21 -26.65 22.59 -19.02
C ILE A 21 -25.27 22.34 -19.61
N LYS A 22 -24.22 22.79 -18.92
CA LYS A 22 -22.86 22.53 -19.36
C LYS A 22 -22.23 21.38 -18.59
N GLU A 23 -22.66 21.20 -17.33
CA GLU A 23 -22.17 20.10 -16.51
C GLU A 23 -23.07 19.87 -15.30
N TYR A 24 -22.76 18.82 -14.54
CA TYR A 24 -23.54 18.48 -13.35
C TYR A 24 -22.62 17.97 -12.26
N PHE A 25 -23.16 17.83 -11.05
CA PHE A 25 -22.48 17.09 -9.98
C PHE A 25 -23.45 16.75 -8.87
N TYR A 26 -23.08 15.75 -8.06
CA TYR A 26 -23.85 15.37 -6.90
C TYR A 26 -23.38 16.18 -5.70
N THR A 27 -24.32 16.68 -4.89
CA THR A 27 -23.95 17.41 -3.69
C THR A 27 -23.28 16.46 -2.70
N SER A 28 -22.43 17.02 -1.85
CA SER A 28 -21.70 16.22 -0.86
C SER A 28 -22.62 15.37 -0.01
N GLY A 29 -22.10 14.26 0.49
CA GLY A 29 -22.85 13.41 1.40
C GLY A 29 -23.01 14.07 2.75
N LYS A 30 -22.28 15.16 2.94
CA LYS A 30 -22.37 15.96 4.16
C LYS A 30 -23.70 16.70 4.25
N CYS A 31 -24.21 17.11 3.08
CA CYS A 31 -25.49 17.79 3.01
C CYS A 31 -26.60 16.88 3.51
N SER A 32 -27.56 17.46 4.23
CA SER A 32 -28.65 16.68 4.80
C SER A 32 -29.60 16.16 3.73
N ASN A 33 -29.63 16.85 2.59
CA ASN A 33 -30.49 16.46 1.47
C ASN A 33 -29.70 15.97 0.28
N PRO A 34 -30.07 14.82 -0.27
CA PRO A 34 -29.45 14.38 -1.53
C PRO A 34 -29.89 15.30 -2.65
N ALA A 35 -29.02 15.58 -3.60
CA ALA A 35 -29.38 16.50 -4.67
C ALA A 35 -28.44 16.39 -5.86
N VAL A 36 -28.97 16.76 -7.02
CA VAL A 36 -28.17 16.92 -8.22
C VAL A 36 -28.10 18.40 -8.54
N VAL A 37 -26.90 18.88 -8.85
CA VAL A 37 -26.74 20.27 -9.25
C VAL A 37 -26.33 20.34 -10.71
N PHE A 38 -27.10 21.09 -11.51
CA PHE A 38 -26.72 21.36 -12.88
C PHE A 38 -26.06 22.73 -12.95
N VAL A 39 -24.98 22.83 -13.72
CA VAL A 39 -24.32 24.10 -13.95
C VAL A 39 -24.66 24.60 -15.34
N THR A 40 -25.21 25.81 -15.40
CA THR A 40 -25.66 26.38 -16.66
C THR A 40 -24.53 27.05 -17.42
N ARG A 41 -24.81 27.39 -18.67
CA ARG A 41 -23.83 28.06 -19.52
C ARG A 41 -23.35 29.36 -18.90
N LYS A 42 -24.19 29.93 -18.04
CA LYS A 42 -23.89 31.19 -17.38
C LYS A 42 -23.39 30.96 -15.95
N ASN A 43 -22.93 29.74 -15.67
CA ASN A 43 -22.33 29.39 -14.39
C ASN A 43 -23.27 29.53 -13.18
N ARG A 44 -24.56 29.31 -13.39
CA ARG A 44 -25.49 29.31 -12.25
C ARG A 44 -25.70 27.87 -11.82
N GLN A 45 -25.78 27.64 -10.51
CA GLN A 45 -25.99 26.28 -10.01
C GLN A 45 -27.45 26.06 -9.62
N VAL A 46 -28.06 25.03 -10.19
CA VAL A 46 -29.49 24.75 -9.96
C VAL A 46 -29.71 23.36 -9.35
N CYS A 47 -30.25 23.33 -8.14
CA CYS A 47 -30.56 22.08 -7.46
C CYS A 47 -31.73 21.37 -8.12
N ALA A 48 -31.61 20.06 -8.28
CA ALA A 48 -32.67 19.26 -8.88
C ALA A 48 -32.88 17.95 -8.12
N ASN A 49 -34.08 17.41 -8.23
CA ASN A 49 -34.45 16.17 -7.57
C ASN A 49 -33.79 14.98 -8.26
N PRO A 50 -32.97 14.23 -7.51
CA PRO A 50 -32.22 13.09 -8.07
C PRO A 50 -33.14 11.99 -8.62
N GLU A 51 -34.36 11.93 -8.12
CA GLU A 51 -35.29 10.87 -8.50
C GLU A 51 -36.06 11.16 -9.79
N LYS A 52 -36.09 12.43 -10.20
CA LYS A 52 -36.84 12.82 -11.38
C LYS A 52 -36.23 12.24 -12.66
N LYS A 53 -37.09 11.81 -13.57
CA LYS A 53 -36.65 11.13 -14.79
C LYS A 53 -35.77 12.03 -15.64
N TRP A 54 -36.18 13.28 -15.81
CA TRP A 54 -35.44 14.20 -16.67
C TRP A 54 -34.06 14.49 -16.10
N VAL A 55 -33.96 14.48 -14.78
CA VAL A 55 -32.69 14.69 -14.11
C VAL A 55 -31.73 13.54 -14.40
N ARG A 56 -32.22 12.31 -14.24
CA ARG A 56 -31.41 11.13 -14.48
C ARG A 56 -31.01 11.03 -15.96
N GLU A 57 -31.90 11.46 -16.84
CA GLU A 57 -31.63 11.41 -18.28
C GLU A 57 -30.60 12.46 -18.68
N TYR A 58 -30.68 13.63 -18.08
CA TYR A 58 -29.70 14.68 -18.33
C TYR A 58 -28.31 14.22 -17.90
N ILE A 59 -28.23 13.66 -16.70
CA ILE A 59 -26.98 13.14 -16.16
C ILE A 59 -26.41 12.07 -17.08
N ASN A 60 -27.26 11.12 -17.45
CA ASN A 60 -26.86 10.04 -18.35
C ASN A 60 -26.39 10.59 -19.69
N SER A 61 -27.05 11.65 -20.15
CA SER A 61 -26.67 12.33 -21.37
C SER A 61 -25.27 12.95 -21.23
N LEU A 62 -25.04 13.60 -20.09
CA LEU A 62 -23.79 14.29 -19.85
C LEU A 62 -22.62 13.32 -19.71
N GLU A 63 -22.86 12.18 -19.10
CA GLU A 63 -21.81 11.20 -18.87
C GLU A 63 -21.46 10.40 -20.12
N MET A 64 -22.48 10.05 -20.90
CA MET A 64 -22.30 9.17 -22.05
C MET A 64 -22.01 9.92 -23.35
N SER A 65 -21.73 11.22 -23.24
CA SER A 65 -21.45 12.01 -24.44
C SER A 65 -20.10 11.67 -25.04
N SER B 1 -33.88 29.81 -4.14
CA SER B 1 -34.58 28.60 -3.75
C SER B 1 -33.88 27.35 -4.28
N SER B 2 -33.81 27.22 -5.60
CA SER B 2 -33.17 26.07 -6.22
C SER B 2 -31.67 26.29 -6.35
N ASP B 3 -31.20 27.48 -6.03
CA ASP B 3 -29.77 27.76 -6.03
C ASP B 3 -29.12 27.08 -4.84
N THR B 4 -27.88 26.63 -5.02
CA THR B 4 -27.12 26.06 -3.93
C THR B 4 -26.84 27.13 -2.89
N THR B 5 -26.60 26.70 -1.66
CA THR B 5 -26.15 27.63 -0.62
C THR B 5 -24.98 27.00 0.11
N PRO B 6 -23.98 27.82 0.48
CA PRO B 6 -22.80 27.27 1.14
C PRO B 6 -23.06 26.88 2.59
N CYS B 7 -22.63 25.67 2.96
CA CYS B 7 -22.74 25.22 4.34
C CYS B 7 -21.37 24.83 4.87
N CYS B 8 -21.21 24.89 6.19
CA CYS B 8 -19.98 24.48 6.84
C CYS B 8 -20.25 23.27 7.72
N PHE B 9 -19.28 22.36 7.78
CA PHE B 9 -19.45 21.14 8.57
C PHE B 9 -18.28 20.95 9.52
N ALA B 10 -17.40 21.95 9.56
CA ALA B 10 -16.30 21.98 10.52
C ALA B 10 -15.63 23.36 10.49
N TYR B 11 -14.80 23.63 11.49
CA TYR B 11 -14.05 24.89 11.56
C TYR B 11 -12.59 24.62 11.91
N ILE B 12 -11.67 25.35 11.29
CA ILE B 12 -10.28 25.23 11.68
C ILE B 12 -10.08 25.93 13.01
N ALA B 13 -9.21 25.38 13.85
CA ALA B 13 -9.02 25.89 15.20
C ALA B 13 -8.25 27.20 15.20
N ARG B 14 -7.16 27.24 14.45
CA ARG B 14 -6.32 28.43 14.40
C ARG B 14 -7.01 29.57 13.68
N PRO B 15 -7.20 30.70 14.38
CA PRO B 15 -7.78 31.90 13.78
C PRO B 15 -6.91 32.45 12.66
N LEU B 16 -7.52 32.75 11.52
CA LEU B 16 -6.80 33.36 10.42
C LEU B 16 -6.55 34.83 10.76
N PRO B 17 -5.49 35.43 10.19
CA PRO B 17 -5.13 36.82 10.51
C PRO B 17 -6.21 37.83 10.16
N ARG B 18 -6.60 38.64 11.15
CA ARG B 18 -7.64 39.65 10.99
C ARG B 18 -7.43 40.56 9.77
N ALA B 19 -6.19 40.95 9.53
CA ALA B 19 -5.89 41.91 8.47
C ALA B 19 -6.14 41.35 7.07
N HIS B 20 -6.29 40.03 6.96
CA HIS B 20 -6.47 39.39 5.66
C HIS B 20 -7.94 39.36 5.25
N ILE B 21 -8.83 39.48 6.23
CA ILE B 21 -10.26 39.38 5.98
C ILE B 21 -10.84 40.69 5.46
N LYS B 22 -11.59 40.60 4.37
CA LYS B 22 -12.23 41.79 3.80
C LYS B 22 -13.74 41.81 4.10
N GLU B 23 -14.33 40.64 4.32
CA GLU B 23 -15.75 40.55 4.62
C GLU B 23 -16.12 39.21 5.25
N TYR B 24 -17.35 39.11 5.72
CA TYR B 24 -17.85 37.87 6.31
C TYR B 24 -19.33 37.70 5.99
N PHE B 25 -19.84 36.50 6.21
CA PHE B 25 -21.28 36.27 6.14
C PHE B 25 -21.69 35.04 6.94
N TYR B 26 -22.96 34.99 7.32
CA TYR B 26 -23.51 33.82 7.98
C TYR B 26 -23.98 32.81 6.94
N THR B 27 -23.74 31.52 7.19
CA THR B 27 -24.32 30.51 6.32
C THR B 27 -25.82 30.48 6.61
N SER B 28 -26.60 29.96 5.68
CA SER B 28 -28.05 29.87 5.85
C SER B 28 -28.41 29.08 7.11
N GLY B 29 -29.53 29.47 7.72
CA GLY B 29 -30.04 28.78 8.90
C GLY B 29 -30.57 27.40 8.56
N LYS B 30 -30.70 27.12 7.27
CA LYS B 30 -31.13 25.79 6.83
C LYS B 30 -29.98 24.78 6.94
N CYS B 31 -28.74 25.27 7.00
CA CYS B 31 -27.59 24.39 7.16
C CYS B 31 -27.63 23.69 8.51
N SER B 32 -27.12 22.46 8.53
CA SER B 32 -27.14 21.64 9.74
C SER B 32 -26.35 22.29 10.88
N ASN B 33 -25.29 23.01 10.53
CA ASN B 33 -24.45 23.64 11.52
C ASN B 33 -24.39 25.16 11.34
N PRO B 34 -24.54 25.89 12.44
CA PRO B 34 -24.41 27.36 12.40
C PRO B 34 -22.98 27.74 12.10
N ALA B 35 -22.76 28.68 11.19
CA ALA B 35 -21.40 29.03 10.81
C ALA B 35 -21.26 30.43 10.27
N VAL B 36 -20.07 30.99 10.45
CA VAL B 36 -19.67 32.24 9.85
C VAL B 36 -18.56 31.92 8.84
N VAL B 37 -18.59 32.57 7.69
CA VAL B 37 -17.54 32.39 6.70
C VAL B 37 -16.75 33.68 6.51
N PHE B 38 -15.45 33.62 6.78
CA PHE B 38 -14.58 34.77 6.56
C PHE B 38 -13.97 34.72 5.16
N VAL B 39 -14.11 35.83 4.43
CA VAL B 39 -13.56 35.95 3.10
C VAL B 39 -12.35 36.85 3.10
N THR B 40 -11.24 36.36 2.55
CA THR B 40 -9.98 37.11 2.57
C THR B 40 -9.88 38.02 1.36
N ARG B 41 -8.84 38.84 1.32
CA ARG B 41 -8.61 39.75 0.22
C ARG B 41 -8.50 38.98 -1.11
N LYS B 42 -7.85 37.83 -1.08
CA LYS B 42 -7.70 37.00 -2.27
C LYS B 42 -8.82 35.97 -2.38
N ASN B 43 -9.91 36.22 -1.66
N ASN B 43 -9.90 36.23 -1.64
CA ASN B 43 -11.11 35.39 -1.72
CA ASN B 43 -11.11 35.43 -1.67
C ASN B 43 -10.87 33.93 -1.29
C ASN B 43 -10.92 33.97 -1.25
N ARG B 44 -10.05 33.74 -0.26
CA ARG B 44 -10.00 32.45 0.40
C ARG B 44 -11.22 32.46 1.30
N GLN B 45 -11.84 31.31 1.53
CA GLN B 45 -13.02 31.29 2.40
C GLN B 45 -12.89 30.24 3.49
N VAL B 46 -13.02 30.70 4.73
CA VAL B 46 -12.83 29.86 5.89
C VAL B 46 -14.07 29.81 6.78
N CYS B 47 -14.54 28.60 7.07
CA CYS B 47 -15.66 28.42 7.99
C CYS B 47 -15.20 28.68 9.42
N ALA B 48 -16.02 29.40 10.18
CA ALA B 48 -15.69 29.73 11.56
C ALA B 48 -16.87 29.47 12.49
N ASN B 49 -16.55 29.16 13.75
CA ASN B 49 -17.56 28.89 14.75
C ASN B 49 -18.05 30.19 15.40
N PRO B 50 -19.33 30.54 15.17
CA PRO B 50 -19.92 31.80 15.67
C PRO B 50 -19.93 31.88 17.20
N GLU B 51 -19.76 30.75 17.86
CA GLU B 51 -19.79 30.72 19.32
C GLU B 51 -18.41 31.01 19.92
N LYS B 52 -17.41 31.13 19.06
CA LYS B 52 -16.06 31.42 19.51
C LYS B 52 -15.86 32.91 19.75
N LYS B 53 -15.05 33.24 20.75
CA LYS B 53 -14.79 34.61 21.13
C LYS B 53 -14.12 35.41 20.01
N TRP B 54 -13.07 34.85 19.44
CA TRP B 54 -12.30 35.56 18.41
C TRP B 54 -13.12 35.80 17.16
N VAL B 55 -14.06 34.92 16.88
CA VAL B 55 -14.95 35.08 15.73
C VAL B 55 -15.84 36.29 15.93
N ARG B 56 -16.40 36.40 17.14
N ARG B 56 -16.39 36.44 17.14
CA ARG B 56 -17.22 37.53 17.54
CA ARG B 56 -17.25 37.58 17.43
C ARG B 56 -16.45 38.84 17.45
C ARG B 56 -16.46 38.89 17.46
N GLU B 57 -15.22 38.82 17.95
CA GLU B 57 -14.35 39.99 17.93
C GLU B 57 -14.10 40.44 16.50
N TYR B 58 -13.84 39.47 15.62
CA TYR B 58 -13.60 39.75 14.22
C TYR B 58 -14.82 40.41 13.58
N ILE B 59 -15.99 39.84 13.85
CA ILE B 59 -17.23 40.36 13.29
C ILE B 59 -17.49 41.78 13.79
N ASN B 60 -17.32 41.99 15.10
CA ASN B 60 -17.44 43.33 15.68
C ASN B 60 -16.50 44.31 14.98
N SER B 61 -15.25 43.90 14.81
CA SER B 61 -14.24 44.72 14.14
C SER B 61 -14.61 45.01 12.70
N LEU B 62 -15.17 44.02 12.01
CA LEU B 62 -15.58 44.18 10.63
C LEU B 62 -16.76 45.13 10.50
N GLU B 63 -17.67 45.08 11.48
CA GLU B 63 -18.89 45.89 11.44
C GLU B 63 -18.63 47.32 11.90
N MET B 64 -17.87 47.47 12.98
CA MET B 64 -17.50 48.79 13.49
C MET B 64 -16.37 49.39 12.66
N SER B 65 -15.85 48.62 11.72
CA SER B 65 -14.79 49.05 10.80
C SER B 65 -13.61 49.69 11.52
N SER C 1 3.26 17.49 -9.02
CA SER C 1 2.53 16.60 -8.15
C SER C 1 2.24 17.27 -6.82
N SER C 2 1.43 16.57 -6.03
CA SER C 2 0.90 17.12 -4.79
C SER C 2 0.95 16.11 -3.65
N ASP C 3 1.22 16.59 -2.43
CA ASP C 3 1.24 15.71 -1.28
C ASP C 3 0.02 15.91 -0.39
N THR C 4 -1.06 16.43 -0.96
CA THR C 4 -2.35 16.39 -0.29
C THR C 4 -3.00 15.05 -0.56
N THR C 5 -3.87 14.61 0.35
CA THR C 5 -4.55 13.35 0.19
C THR C 5 -6.07 13.55 0.14
N PRO C 6 -6.73 12.92 -0.84
CA PRO C 6 -8.20 13.00 -0.91
C PRO C 6 -8.85 12.18 0.19
N CYS C 7 -9.64 12.83 1.04
CA CYS C 7 -10.34 12.14 2.11
C CYS C 7 -11.85 12.36 2.02
N CYS C 8 -12.60 11.40 2.52
CA CYS C 8 -14.06 11.51 2.58
C CYS C 8 -14.51 11.59 4.02
N PHE C 9 -15.55 12.38 4.27
CA PHE C 9 -16.06 12.54 5.63
C PHE C 9 -17.56 12.29 5.70
N ALA C 10 -18.11 11.82 4.58
CA ALA C 10 -19.52 11.46 4.48
C ALA C 10 -19.75 10.69 3.20
N TYR C 11 -20.88 9.98 3.13
CA TYR C 11 -21.15 9.15 1.96
C TYR C 11 -22.47 9.50 1.29
N ILE C 12 -22.50 9.34 -0.03
CA ILE C 12 -23.74 9.46 -0.78
C ILE C 12 -24.64 8.27 -0.39
N ALA C 13 -25.94 8.51 -0.31
CA ALA C 13 -26.87 7.47 0.12
C ALA C 13 -27.38 6.68 -1.07
N ARG C 14 -27.74 7.41 -2.11
CA ARG C 14 -28.29 6.81 -3.32
C ARG C 14 -27.18 6.29 -4.23
N PRO C 15 -27.24 5.00 -4.59
CA PRO C 15 -26.29 4.42 -5.54
C PRO C 15 -26.30 5.15 -6.88
N LEU C 16 -25.13 5.56 -7.35
CA LEU C 16 -25.02 6.24 -8.63
C LEU C 16 -25.01 5.22 -9.77
N PRO C 17 -25.38 5.64 -10.99
CA PRO C 17 -25.45 4.73 -12.14
C PRO C 17 -24.12 4.02 -12.44
N ARG C 18 -24.11 2.69 -12.28
CA ARG C 18 -22.94 1.87 -12.52
C ARG C 18 -22.26 2.15 -13.86
N ALA C 19 -23.06 2.36 -14.89
CA ALA C 19 -22.53 2.56 -16.24
C ALA C 19 -21.75 3.87 -16.37
N HIS C 20 -21.96 4.79 -15.42
CA HIS C 20 -21.28 6.08 -15.46
C HIS C 20 -19.88 5.97 -14.87
N ILE C 21 -19.66 4.94 -14.06
CA ILE C 21 -18.40 4.80 -13.33
C ILE C 21 -17.27 4.28 -14.20
N LYS C 22 -16.19 5.07 -14.26
CA LYS C 22 -15.01 4.74 -15.03
C LYS C 22 -14.02 3.92 -14.19
N GLU C 23 -13.85 4.31 -12.93
CA GLU C 23 -12.95 3.62 -12.02
C GLU C 23 -13.31 3.90 -10.57
N TYR C 24 -12.59 3.26 -9.67
CA TYR C 24 -12.73 3.50 -8.24
C TYR C 24 -11.36 3.54 -7.59
N PHE C 25 -11.30 3.96 -6.33
CA PHE C 25 -10.10 3.77 -5.53
C PHE C 25 -10.42 3.87 -4.05
N TYR C 26 -9.61 3.20 -3.23
CA TYR C 26 -9.71 3.31 -1.78
C TYR C 26 -8.96 4.57 -1.34
N THR C 27 -9.55 5.33 -0.43
CA THR C 27 -8.86 6.49 0.12
C THR C 27 -7.75 6.00 1.04
N SER C 28 -6.72 6.83 1.21
CA SER C 28 -5.56 6.47 2.01
C SER C 28 -5.92 6.12 3.45
N GLY C 29 -5.05 5.32 4.08
CA GLY C 29 -5.25 4.93 5.46
C GLY C 29 -4.99 6.08 6.42
N LYS C 30 -4.41 7.16 5.91
CA LYS C 30 -4.21 8.36 6.72
C LYS C 30 -5.55 9.01 7.04
N CYS C 31 -6.52 8.82 6.14
CA CYS C 31 -7.83 9.42 6.31
C CYS C 31 -8.54 8.84 7.52
N SER C 32 -9.17 9.70 8.31
CA SER C 32 -9.84 9.28 9.53
C SER C 32 -11.06 8.40 9.24
N ASN C 33 -11.68 8.60 8.09
CA ASN C 33 -12.85 7.82 7.70
C ASN C 33 -12.58 6.97 6.46
N PRO C 34 -12.64 5.64 6.63
CA PRO C 34 -12.46 4.72 5.50
C PRO C 34 -13.54 4.96 4.46
N ALA C 35 -13.16 4.95 3.19
CA ALA C 35 -14.10 5.27 2.14
C ALA C 35 -13.66 4.74 0.78
N VAL C 36 -14.60 4.75 -0.15
CA VAL C 36 -14.33 4.40 -1.53
C VAL C 36 -14.75 5.57 -2.39
N VAL C 37 -13.95 5.91 -3.40
CA VAL C 37 -14.30 6.99 -4.30
C VAL C 37 -14.54 6.45 -5.70
N PHE C 38 -15.76 6.65 -6.19
CA PHE C 38 -16.07 6.29 -7.57
C PHE C 38 -15.84 7.49 -8.48
N VAL C 39 -15.22 7.22 -9.62
CA VAL C 39 -14.91 8.27 -10.59
C VAL C 39 -15.69 8.02 -11.88
N THR C 40 -16.51 8.98 -12.28
CA THR C 40 -17.33 8.82 -13.47
C THR C 40 -16.54 9.16 -14.73
N ARG C 41 -17.13 8.91 -15.89
CA ARG C 41 -16.47 9.16 -17.17
C ARG C 41 -16.08 10.62 -17.33
N LYS C 42 -16.93 11.52 -16.84
CA LYS C 42 -16.65 12.96 -16.92
C LYS C 42 -15.95 13.45 -15.65
N ASN C 43 -15.45 12.49 -14.88
CA ASN C 43 -14.64 12.76 -13.69
C ASN C 43 -15.39 13.44 -12.55
N ARG C 44 -16.66 13.12 -12.38
CA ARG C 44 -17.32 13.40 -11.11
C ARG C 44 -16.75 12.41 -10.11
N GLN C 45 -16.57 12.83 -8.87
CA GLN C 45 -16.04 11.92 -7.87
C GLN C 45 -16.95 11.83 -6.66
N VAL C 46 -17.34 10.62 -6.32
CA VAL C 46 -18.33 10.39 -5.27
C VAL C 46 -17.78 9.50 -4.16
N CYS C 47 -17.87 9.98 -2.92
CA CYS C 47 -17.48 9.20 -1.76
C CYS C 47 -18.53 8.14 -1.46
N ALA C 48 -18.07 6.91 -1.19
CA ALA C 48 -18.96 5.80 -0.93
C ALA C 48 -18.52 4.99 0.28
N ASN C 49 -19.49 4.39 0.96
CA ASN C 49 -19.22 3.57 2.14
C ASN C 49 -18.95 2.12 1.74
N PRO C 50 -17.70 1.66 1.96
CA PRO C 50 -17.31 0.29 1.58
C PRO C 50 -18.06 -0.79 2.34
N GLU C 51 -18.75 -0.41 3.42
CA GLU C 51 -19.54 -1.35 4.19
C GLU C 51 -20.92 -1.57 3.58
N LYS C 52 -21.23 -0.83 2.51
CA LYS C 52 -22.49 -1.00 1.79
C LYS C 52 -22.37 -2.02 0.67
N LYS C 53 -23.40 -2.84 0.51
CA LYS C 53 -23.39 -3.94 -0.44
C LYS C 53 -23.21 -3.47 -1.88
N TRP C 54 -23.97 -2.45 -2.29
CA TRP C 54 -23.91 -1.98 -3.66
C TRP C 54 -22.52 -1.43 -3.98
N VAL C 55 -21.88 -0.84 -2.98
CA VAL C 55 -20.53 -0.34 -3.14
C VAL C 55 -19.58 -1.50 -3.40
N ARG C 56 -19.63 -2.53 -2.55
CA ARG C 56 -18.80 -3.71 -2.71
C ARG C 56 -19.05 -4.39 -4.05
N GLU C 57 -20.31 -4.45 -4.46
CA GLU C 57 -20.66 -5.06 -5.74
C GLU C 57 -20.07 -4.29 -6.91
N TYR C 58 -20.16 -2.97 -6.84
CA TYR C 58 -19.61 -2.10 -7.87
C TYR C 58 -18.11 -2.32 -8.03
N ILE C 59 -17.42 -2.36 -6.89
CA ILE C 59 -15.98 -2.59 -6.87
C ILE C 59 -15.66 -3.96 -7.48
N ASN C 60 -16.40 -4.97 -7.03
CA ASN C 60 -16.27 -6.31 -7.58
C ASN C 60 -16.46 -6.30 -9.09
N SER C 61 -17.46 -5.57 -9.56
CA SER C 61 -17.74 -5.44 -10.98
C SER C 61 -16.59 -4.76 -11.74
N LEU C 62 -15.99 -3.75 -11.12
CA LEU C 62 -14.93 -3.00 -11.78
C LEU C 62 -13.65 -3.80 -11.89
N GLU C 63 -13.29 -4.50 -10.82
CA GLU C 63 -12.04 -5.23 -10.82
C GLU C 63 -12.05 -6.56 -11.55
N MET C 64 -13.25 -7.08 -11.81
CA MET C 64 -13.37 -8.37 -12.50
C MET C 64 -13.51 -8.12 -14.01
N SER C 65 -13.25 -6.88 -14.42
CA SER C 65 -13.28 -6.48 -15.83
C SER C 65 -14.73 -6.47 -16.30
N SER D 1 -17.27 18.00 -10.49
CA SER D 1 -17.02 18.36 -9.11
C SER D 1 -16.91 17.12 -8.24
N SER D 2 -16.14 17.28 -7.17
CA SER D 2 -15.73 16.14 -6.35
C SER D 2 -16.12 16.29 -4.88
N ASP D 3 -16.42 15.15 -4.28
CA ASP D 3 -16.87 15.10 -2.88
C ASP D 3 -15.69 14.91 -1.92
N THR D 4 -14.50 14.68 -2.46
CA THR D 4 -13.32 14.46 -1.64
C THR D 4 -12.73 15.77 -1.13
N THR D 5 -11.97 15.69 -0.05
CA THR D 5 -11.32 16.86 0.52
C THR D 5 -9.81 16.66 0.61
N PRO D 6 -9.03 17.63 0.11
CA PRO D 6 -7.57 17.54 0.22
C PRO D 6 -7.08 17.77 1.65
N CYS D 7 -6.39 16.79 2.21
CA CYS D 7 -5.86 16.91 3.57
C CYS D 7 -4.34 16.70 3.59
N CYS D 8 -3.70 17.26 4.60
CA CYS D 8 -2.27 17.10 4.80
C CYS D 8 -2.00 16.36 6.09
N PHE D 9 -0.96 15.55 6.11
CA PHE D 9 -0.61 14.78 7.30
C PHE D 9 0.85 14.95 7.66
N ALA D 10 1.51 15.86 6.94
CA ALA D 10 2.93 16.16 7.16
C ALA D 10 3.28 17.42 6.40
N TYR D 11 4.38 18.06 6.77
CA TYR D 11 4.77 19.32 6.15
C TYR D 11 6.17 19.26 5.56
N ILE D 12 6.39 20.04 4.50
CA ILE D 12 7.72 20.19 3.94
C ILE D 12 8.60 20.92 4.95
N ALA D 13 9.88 20.56 4.99
CA ALA D 13 10.79 21.12 5.97
C ALA D 13 11.33 22.49 5.54
N ARG D 14 11.87 22.54 4.32
CA ARG D 14 12.47 23.77 3.82
C ARG D 14 11.47 24.60 3.02
N PRO D 15 11.48 25.92 3.23
CA PRO D 15 10.63 26.86 2.50
C PRO D 15 10.87 26.79 0.99
N LEU D 16 9.81 26.57 0.23
CA LEU D 16 9.90 26.60 -1.22
C LEU D 16 10.02 28.05 -1.67
N PRO D 17 10.62 28.28 -2.85
CA PRO D 17 10.83 29.65 -3.34
C PRO D 17 9.54 30.44 -3.52
N ARG D 18 9.43 31.56 -2.79
CA ARG D 18 8.26 32.42 -2.80
C ARG D 18 7.79 32.80 -4.21
N ALA D 19 8.73 33.03 -5.11
CA ALA D 19 8.40 33.50 -6.45
C ALA D 19 7.65 32.44 -7.27
N HIS D 20 7.72 31.19 -6.82
CA HIS D 20 7.08 30.10 -7.55
C HIS D 20 5.61 29.95 -7.17
N ILE D 21 5.27 30.49 -6.01
CA ILE D 21 3.92 30.32 -5.46
C ILE D 21 2.88 31.21 -6.14
N LYS D 22 1.86 30.58 -6.69
CA LYS D 22 0.76 31.26 -7.37
C LYS D 22 -0.34 31.64 -6.38
N GLU D 23 -0.67 30.72 -5.49
CA GLU D 23 -1.71 30.95 -4.49
C GLU D 23 -1.53 30.01 -3.29
N TYR D 24 -2.41 30.17 -2.31
CA TYR D 24 -2.43 29.30 -1.14
C TYR D 24 -3.88 28.99 -0.77
N PHE D 25 -4.07 28.04 0.13
CA PHE D 25 -5.38 27.85 0.78
C PHE D 25 -5.24 27.05 2.06
N TYR D 26 -6.15 27.31 3.01
CA TYR D 26 -6.24 26.52 4.22
C TYR D 26 -7.00 25.24 3.93
N THR D 27 -6.52 24.11 4.44
CA THR D 27 -7.25 22.86 4.29
C THR D 27 -8.50 22.90 5.16
N SER D 28 -9.49 22.10 4.80
CA SER D 28 -10.77 22.08 5.50
C SER D 28 -10.63 21.77 6.98
N GLY D 29 -11.59 22.23 7.76
CA GLY D 29 -11.60 21.99 9.19
C GLY D 29 -11.89 20.55 9.54
N LYS D 30 -12.41 19.80 8.58
CA LYS D 30 -12.66 18.37 8.80
C LYS D 30 -11.34 17.59 8.81
N CYS D 31 -10.30 18.17 8.25
CA CYS D 31 -8.99 17.53 8.24
C CYS D 31 -8.44 17.45 9.66
N SER D 32 -7.90 16.29 10.01
CA SER D 32 -7.39 16.06 11.36
C SER D 32 -6.16 16.93 11.67
N ASN D 33 -5.39 17.25 10.64
CA ASN D 33 -4.20 18.08 10.82
C ASN D 33 -4.32 19.42 10.12
N PRO D 34 -4.30 20.51 10.90
CA PRO D 34 -4.34 21.88 10.36
C PRO D 34 -3.17 22.10 9.42
N ALA D 35 -3.42 22.68 8.26
CA ALA D 35 -2.36 22.85 7.28
C ALA D 35 -2.63 23.98 6.30
N VAL D 36 -1.57 24.37 5.61
CA VAL D 36 -1.65 25.34 4.54
C VAL D 36 -1.09 24.67 3.28
N VAL D 37 -1.75 24.88 2.15
CA VAL D 37 -1.26 24.33 0.89
C VAL D 37 -0.84 25.45 -0.05
N PHE D 38 0.42 25.46 -0.44
CA PHE D 38 0.90 26.40 -1.43
C PHE D 38 0.83 25.78 -2.82
N VAL D 39 0.37 26.56 -3.78
CA VAL D 39 0.22 26.10 -5.16
C VAL D 39 1.14 26.90 -6.06
N THR D 40 2.04 26.21 -6.76
CA THR D 40 3.00 26.89 -7.62
C THR D 40 2.40 27.22 -8.98
N ARG D 41 3.14 27.97 -9.79
CA ARG D 41 2.66 28.37 -11.11
C ARG D 41 2.35 27.16 -11.99
N LYS D 42 3.15 26.11 -11.84
CA LYS D 42 2.97 24.89 -12.62
C LYS D 42 2.13 23.88 -11.84
N ASN D 43 1.48 24.36 -10.80
CA ASN D 43 0.54 23.61 -9.98
C ASN D 43 1.15 22.44 -9.20
N ARG D 44 2.38 22.62 -8.72
CA ARG D 44 2.86 21.74 -7.66
C ARG D 44 2.11 22.17 -6.41
N GLN D 45 1.80 21.23 -5.54
CA GLN D 45 1.09 21.59 -4.31
C GLN D 45 1.81 21.03 -3.08
N VAL D 46 2.16 21.93 -2.17
CA VAL D 46 2.97 21.59 -1.02
C VAL D 46 2.25 21.87 0.29
N CYS D 47 2.21 20.89 1.17
CA CYS D 47 1.64 21.07 2.50
C CYS D 47 2.60 21.83 3.41
N ALA D 48 2.06 22.81 4.14
CA ALA D 48 2.89 23.64 5.00
C ALA D 48 2.27 23.83 6.38
N ASN D 49 3.12 23.99 7.38
CA ASN D 49 2.67 24.19 8.76
C ASN D 49 2.40 25.67 9.03
N PRO D 50 1.12 26.01 9.29
CA PRO D 50 0.72 27.41 9.52
C PRO D 50 1.34 28.00 10.79
N GLU D 51 1.89 27.15 11.64
CA GLU D 51 2.54 27.61 12.86
C GLU D 51 3.99 28.06 12.61
N LYS D 52 4.44 27.93 11.37
CA LYS D 52 5.80 28.34 11.00
C LYS D 52 5.82 29.78 10.49
N LYS D 53 6.88 30.51 10.84
CA LYS D 53 7.00 31.92 10.49
C LYS D 53 6.94 32.17 8.99
N TRP D 54 7.80 31.46 8.25
CA TRP D 54 7.90 31.68 6.81
C TRP D 54 6.57 31.37 6.11
N VAL D 55 5.83 30.41 6.64
CA VAL D 55 4.52 30.08 6.10
C VAL D 55 3.57 31.25 6.28
N ARG D 56 3.50 31.77 7.50
CA ARG D 56 2.66 32.92 7.81
C ARG D 56 3.06 34.15 6.98
N GLU D 57 4.35 34.37 6.83
CA GLU D 57 4.85 35.49 6.05
C GLU D 57 4.46 35.34 4.59
N TYR D 58 4.54 34.12 4.07
CA TYR D 58 4.16 33.85 2.69
C TYR D 58 2.69 34.16 2.46
N ILE D 59 1.85 33.71 3.38
CA ILE D 59 0.42 33.95 3.30
C ILE D 59 0.12 35.44 3.36
N ASN D 60 0.76 36.13 4.31
CA ASN D 60 0.64 37.57 4.43
C ASN D 60 1.02 38.26 3.14
N SER D 61 2.10 37.78 2.52
CA SER D 61 2.56 38.33 1.25
C SER D 61 1.55 38.13 0.14
N LEU D 62 0.92 36.96 0.11
CA LEU D 62 -0.03 36.65 -0.95
C LEU D 62 -1.31 37.45 -0.82
N GLU D 63 -1.80 37.58 0.41
CA GLU D 63 -3.05 38.31 0.66
C GLU D 63 -2.90 39.80 0.41
N MET D 64 -1.79 40.38 0.88
CA MET D 64 -1.55 41.81 0.73
C MET D 64 -0.91 42.14 -0.62
N SER D 65 -1.72 42.11 -1.67
CA SER D 65 -1.23 42.43 -3.01
C SER D 65 -2.36 42.94 -3.90
N SER E 1 18.80 3.61 -7.30
CA SER E 1 19.20 4.34 -6.10
C SER E 1 18.67 5.77 -6.11
N SER E 2 18.84 6.44 -7.24
CA SER E 2 18.28 7.77 -7.43
C SER E 2 16.80 7.66 -7.76
N ASP E 3 16.35 6.45 -8.02
CA ASP E 3 14.92 6.20 -8.26
C ASP E 3 14.13 6.34 -6.97
N THR E 4 12.92 6.84 -7.09
CA THR E 4 12.00 6.87 -5.96
C THR E 4 11.61 5.46 -5.60
N THR E 5 11.18 5.25 -4.35
CA THR E 5 10.65 3.96 -3.96
C THR E 5 9.36 4.18 -3.17
N PRO E 6 8.38 3.29 -3.33
CA PRO E 6 7.09 3.45 -2.64
C PRO E 6 7.18 3.20 -1.15
N CYS E 7 6.66 4.11 -0.35
CA CYS E 7 6.57 3.92 1.09
C CYS E 7 5.13 4.06 1.56
N CYS E 8 4.81 3.39 2.67
CA CYS E 8 3.48 3.50 3.27
C CYS E 8 3.59 4.16 4.63
N PHE E 9 2.60 4.95 4.98
CA PHE E 9 2.61 5.65 6.26
C PHE E 9 1.34 5.41 7.04
N ALA E 10 0.48 4.56 6.50
CA ALA E 10 -0.71 4.07 7.19
C ALA E 10 -1.32 2.90 6.44
N TYR E 11 -2.29 2.24 7.05
CA TYR E 11 -2.98 1.11 6.45
C TYR E 11 -4.49 1.23 6.66
N ILE E 12 -5.28 0.91 5.64
CA ILE E 12 -6.73 0.86 5.84
C ILE E 12 -7.07 -0.36 6.68
N ALA E 13 -8.04 -0.21 7.57
CA ALA E 13 -8.38 -1.28 8.50
C ALA E 13 -9.12 -2.42 7.81
N ARG E 14 -10.07 -2.07 6.97
CA ARG E 14 -10.90 -3.06 6.28
C ARG E 14 -10.10 -3.77 5.19
N PRO E 15 -9.96 -5.10 5.33
CA PRO E 15 -9.28 -5.93 4.32
C PRO E 15 -10.00 -5.87 2.98
N LEU E 16 -9.24 -5.59 1.92
CA LEU E 16 -9.79 -5.60 0.58
C LEU E 16 -10.01 -7.05 0.17
N PRO E 17 -10.92 -7.29 -0.78
CA PRO E 17 -11.26 -8.69 -1.04
C PRO E 17 -10.14 -9.44 -1.75
N ARG E 18 -9.85 -10.62 -1.21
CA ARG E 18 -8.77 -11.48 -1.70
C ARG E 18 -8.83 -11.65 -3.21
N ALA E 19 -10.02 -11.76 -3.76
CA ALA E 19 -10.16 -12.10 -5.16
C ALA E 19 -9.71 -11.00 -6.13
N HIS E 20 -9.63 -9.75 -5.71
CA HIS E 20 -9.23 -8.85 -6.76
C HIS E 20 -7.73 -8.57 -6.72
N ILE E 21 -7.04 -9.14 -5.74
CA ILE E 21 -5.60 -8.99 -5.64
C ILE E 21 -4.91 -9.95 -6.61
N LYS E 22 -4.04 -9.39 -7.45
CA LYS E 22 -3.28 -10.18 -8.41
C LYS E 22 -1.83 -10.40 -7.96
N GLU E 23 -1.28 -9.46 -7.19
CA GLU E 23 0.09 -9.58 -6.70
C GLU E 23 0.32 -8.70 -5.48
N TYR E 24 1.49 -8.86 -4.87
CA TYR E 24 1.88 -8.05 -3.72
C TYR E 24 3.38 -7.79 -3.74
N PHE E 25 3.84 -6.88 -2.90
CA PHE E 25 5.27 -6.69 -2.68
C PHE E 25 5.53 -5.98 -1.35
N TYR E 26 6.73 -6.14 -0.84
CA TYR E 26 7.16 -5.43 0.36
C TYR E 26 7.75 -4.09 -0.02
N THR E 27 7.48 -3.06 0.77
CA THR E 27 8.12 -1.78 0.54
C THR E 27 9.57 -1.90 0.99
N SER E 28 10.43 -1.01 0.51
CA SER E 28 11.84 -1.01 0.88
C SER E 28 12.03 -0.94 2.39
N GLY E 29 13.06 -1.60 2.87
CA GLY E 29 13.39 -1.58 4.29
C GLY E 29 13.88 -0.21 4.73
N LYS E 30 14.13 0.66 3.75
CA LYS E 30 14.53 2.03 4.03
C LYS E 30 13.34 2.89 4.50
N CYS E 31 12.13 2.46 4.16
CA CYS E 31 10.93 3.18 4.56
C CYS E 31 10.77 3.17 6.08
N SER E 32 10.25 4.26 6.62
CA SER E 32 10.10 4.40 8.07
C SER E 32 9.17 3.34 8.66
N ASN E 33 8.24 2.87 7.84
CA ASN E 33 7.27 1.88 8.30
C ASN E 33 7.30 0.62 7.44
N PRO E 34 7.34 -0.54 8.08
CA PRO E 34 7.26 -1.81 7.36
C PRO E 34 5.88 -1.97 6.73
N ALA E 35 5.82 -2.37 5.47
CA ALA E 35 4.52 -2.45 4.81
C ALA E 35 4.49 -3.43 3.65
N VAL E 36 3.30 -3.95 3.40
CA VAL E 36 3.02 -4.75 2.22
C VAL E 36 2.03 -3.98 1.36
N VAL E 37 2.23 -4.01 0.04
CA VAL E 37 1.32 -3.36 -0.89
C VAL E 37 0.61 -4.39 -1.74
N PHE E 38 -0.72 -4.42 -1.65
CA PHE E 38 -1.51 -5.32 -2.49
C PHE E 38 -1.93 -4.61 -3.77
N VAL E 39 -1.67 -5.26 -4.90
CA VAL E 39 -2.02 -4.72 -6.21
C VAL E 39 -3.20 -5.46 -6.79
N THR E 40 -4.25 -4.73 -7.13
CA THR E 40 -5.48 -5.35 -7.62
C THR E 40 -5.39 -5.61 -9.13
N ARG E 41 -6.39 -6.32 -9.64
CA ARG E 41 -6.47 -6.62 -11.06
C ARG E 41 -6.46 -5.34 -11.91
N LYS E 42 -7.17 -4.32 -11.45
CA LYS E 42 -7.21 -3.05 -12.16
C LYS E 42 -6.12 -2.11 -11.64
N ASN E 43 -5.17 -2.69 -10.92
CA ASN E 43 -3.96 -2.02 -10.46
C ASN E 43 -4.22 -0.89 -9.46
N ARG E 44 -5.16 -1.12 -8.54
CA ARG E 44 -5.24 -0.28 -7.36
C ARG E 44 -4.18 -0.79 -6.42
N GLN E 45 -3.60 0.10 -5.62
CA GLN E 45 -2.55 -0.31 -4.70
C GLN E 45 -2.88 0.12 -3.28
N VAL E 46 -2.92 -0.86 -2.38
CA VAL E 46 -3.31 -0.62 -1.00
C VAL E 46 -2.20 -1.04 -0.04
N CYS E 47 -1.81 -0.13 0.85
CA CYS E 47 -0.84 -0.43 1.89
C CYS E 47 -1.48 -1.31 2.95
N ALA E 48 -0.73 -2.31 3.41
CA ALA E 48 -1.23 -3.23 4.42
C ALA E 48 -0.20 -3.48 5.52
N ASN E 49 -0.68 -3.76 6.72
CA ASN E 49 0.19 -4.04 7.86
C ASN E 49 0.62 -5.51 7.88
N PRO E 50 1.92 -5.76 7.65
CA PRO E 50 2.45 -7.12 7.56
C PRO E 50 2.29 -7.91 8.87
N GLU E 51 2.04 -7.19 9.96
CA GLU E 51 1.87 -7.83 11.26
C GLU E 51 0.44 -8.33 11.46
N LYS E 52 -0.43 -8.01 10.51
CA LYS E 52 -1.83 -8.42 10.59
C LYS E 52 -2.01 -9.86 10.10
N LYS E 53 -2.91 -10.59 10.73
CA LYS E 53 -3.16 -11.98 10.39
C LYS E 53 -3.67 -12.13 8.96
N TRP E 54 -4.65 -11.32 8.58
CA TRP E 54 -5.27 -11.43 7.27
C TRP E 54 -4.29 -11.08 6.15
N VAL E 55 -3.33 -10.22 6.46
CA VAL E 55 -2.32 -9.86 5.49
C VAL E 55 -1.41 -11.06 5.19
N ARG E 56 -0.99 -11.76 6.24
CA ARG E 56 -0.16 -12.94 6.09
C ARG E 56 -0.93 -14.06 5.39
N GLU E 57 -2.21 -14.22 5.73
CA GLU E 57 -3.05 -15.21 5.07
C GLU E 57 -3.12 -14.93 3.58
N TYR E 58 -3.28 -13.66 3.21
CA TYR E 58 -3.34 -13.26 1.82
C TYR E 58 -2.03 -13.58 1.11
N ILE E 59 -0.91 -13.24 1.73
CA ILE E 59 0.39 -13.48 1.16
C ILE E 59 0.63 -14.97 0.97
N ASN E 60 0.29 -15.76 1.99
CA ASN E 60 0.39 -17.22 1.89
C ASN E 60 -0.43 -17.75 0.71
N SER E 61 -1.65 -17.26 0.59
CA SER E 61 -2.54 -17.66 -0.51
C SER E 61 -1.98 -17.27 -1.87
N LEU E 62 -1.39 -16.08 -1.94
CA LEU E 62 -0.81 -15.59 -3.19
C LEU E 62 0.42 -16.40 -3.57
N GLU E 63 1.18 -16.85 -2.57
CA GLU E 63 2.41 -17.58 -2.82
C GLU E 63 2.31 -19.11 -2.85
N MET E 64 1.16 -19.64 -2.46
CA MET E 64 0.95 -21.08 -2.39
C MET E 64 0.12 -21.51 -3.60
N SER E 65 0.11 -20.67 -4.64
CA SER E 65 -0.55 -21.00 -5.89
C SER E 65 0.09 -20.30 -7.10
N SER F 1 -5.54 3.99 -8.48
CA SER F 1 -4.91 4.91 -7.56
C SER F 1 -4.26 4.16 -6.40
N SER F 2 -3.21 4.79 -5.90
CA SER F 2 -2.35 4.20 -4.88
C SER F 2 -2.19 5.10 -3.67
N ASP F 3 -2.06 4.50 -2.49
CA ASP F 3 -1.79 5.28 -1.28
C ASP F 3 -0.34 5.10 -0.81
N THR F 4 0.51 4.58 -1.69
CA THR F 4 1.95 4.62 -1.44
C THR F 4 2.48 6.00 -1.81
N THR F 5 3.65 6.34 -1.29
CA THR F 5 4.25 7.63 -1.53
C THR F 5 5.67 7.49 -2.08
N PRO F 6 5.99 8.22 -3.15
CA PRO F 6 7.34 8.21 -3.69
C PRO F 6 8.33 8.88 -2.74
N CYS F 7 9.26 8.11 -2.17
CA CYS F 7 10.27 8.67 -1.28
C CYS F 7 11.68 8.44 -1.81
N CYS F 8 12.60 9.33 -1.43
CA CYS F 8 13.99 9.24 -1.86
C CYS F 8 14.90 8.90 -0.69
N PHE F 9 15.99 8.21 -0.99
CA PHE F 9 16.97 7.87 0.03
C PHE F 9 18.38 8.12 -0.47
N ALA F 10 18.49 8.56 -1.72
CA ALA F 10 19.76 8.93 -2.32
C ALA F 10 19.55 9.97 -3.42
N TYR F 11 20.53 10.84 -3.60
CA TYR F 11 20.47 11.87 -4.64
C TYR F 11 21.41 11.52 -5.78
N ILE F 12 20.96 11.75 -7.02
CA ILE F 12 21.78 11.48 -8.19
C ILE F 12 23.06 12.32 -8.13
N ALA F 13 24.17 11.74 -8.59
CA ALA F 13 25.47 12.39 -8.48
C ALA F 13 25.70 13.37 -9.62
N ARG F 14 25.49 12.89 -10.84
CA ARG F 14 25.68 13.70 -12.03
C ARG F 14 24.39 14.43 -12.38
N PRO F 15 24.47 15.76 -12.55
CA PRO F 15 23.31 16.56 -12.95
C PRO F 15 22.65 16.00 -14.20
N LEU F 16 21.34 15.84 -14.17
CA LEU F 16 20.60 15.37 -15.33
C LEU F 16 20.68 16.39 -16.46
N PRO F 17 20.66 15.91 -17.71
CA PRO F 17 20.57 16.81 -18.86
C PRO F 17 19.22 17.53 -18.86
N ARG F 18 19.26 18.86 -18.80
CA ARG F 18 18.07 19.69 -18.66
C ARG F 18 16.99 19.37 -19.70
N ALA F 19 17.42 19.08 -20.92
CA ALA F 19 16.50 18.85 -22.03
C ALA F 19 15.71 17.55 -21.90
N HIS F 20 16.03 16.76 -20.87
CA HIS F 20 15.35 15.51 -20.64
C HIS F 20 14.35 15.62 -19.50
N ILE F 21 14.45 16.70 -18.73
CA ILE F 21 13.50 16.98 -17.66
C ILE F 21 12.22 17.58 -18.22
N LYS F 22 11.08 16.97 -17.92
CA LYS F 22 9.81 17.49 -18.39
C LYS F 22 8.91 17.89 -17.22
N GLU F 23 9.29 17.48 -16.01
CA GLU F 23 8.49 17.74 -14.83
C GLU F 23 9.30 17.56 -13.56
N TYR F 24 8.90 18.25 -12.50
CA TYR F 24 9.49 18.07 -11.18
C TYR F 24 8.41 18.04 -10.12
N PHE F 25 8.76 17.58 -8.93
CA PHE F 25 7.92 17.76 -7.75
C PHE F 25 8.71 17.51 -6.47
N TYR F 26 8.17 17.99 -5.35
CA TYR F 26 8.77 17.76 -4.04
C TYR F 26 8.18 16.49 -3.44
N THR F 27 9.03 15.68 -2.82
CA THR F 27 8.55 14.48 -2.16
C THR F 27 7.72 14.89 -0.95
N SER F 28 6.79 14.01 -0.57
CA SER F 28 5.89 14.29 0.55
C SER F 28 6.66 14.62 1.83
N GLY F 29 6.02 15.39 2.71
CA GLY F 29 6.61 15.72 3.99
C GLY F 29 6.66 14.51 4.89
N LYS F 30 5.95 13.46 4.51
CA LYS F 30 5.93 12.21 5.26
C LYS F 30 7.24 11.44 5.09
N CYS F 31 7.89 11.61 3.93
CA CYS F 31 9.18 10.98 3.69
C CYS F 31 10.20 11.51 4.69
N SER F 32 11.09 10.63 5.15
CA SER F 32 12.07 11.01 6.16
C SER F 32 13.12 11.96 5.60
N ASN F 33 13.34 11.89 4.28
CA ASN F 33 14.32 12.74 3.62
C ASN F 33 13.67 13.76 2.70
N PRO F 34 14.06 15.04 2.82
CA PRO F 34 13.63 16.02 1.83
C PRO F 34 14.25 15.68 0.49
N ALA F 35 13.53 15.93 -0.60
CA ALA F 35 14.05 15.60 -1.91
C ALA F 35 13.28 16.28 -3.03
N VAL F 36 13.95 16.43 -4.16
CA VAL F 36 13.32 16.88 -5.38
C VAL F 36 13.34 15.74 -6.37
N VAL F 37 12.20 15.48 -7.00
CA VAL F 37 12.13 14.43 -8.01
C VAL F 37 11.92 15.05 -9.38
N PHE F 38 12.82 14.75 -10.31
CA PHE F 38 12.65 15.16 -11.68
C PHE F 38 12.05 14.02 -12.49
N VAL F 39 11.06 14.34 -13.31
CA VAL F 39 10.46 13.34 -14.18
C VAL F 39 11.00 13.53 -15.60
N THR F 40 11.62 12.47 -16.11
CA THR F 40 12.25 12.53 -17.42
C THR F 40 11.25 12.30 -18.53
N ARG F 41 11.66 12.62 -19.75
CA ARG F 41 10.79 12.43 -20.91
C ARG F 41 10.52 10.94 -21.11
N LYS F 42 11.47 10.12 -20.67
CA LYS F 42 11.30 8.67 -20.70
C LYS F 42 10.50 8.19 -19.48
N ASN F 43 9.89 9.14 -18.78
CA ASN F 43 9.01 8.87 -17.63
C ASN F 43 9.67 8.19 -16.44
N ARG F 44 10.96 8.44 -16.22
CA ARG F 44 11.61 7.93 -15.02
C ARG F 44 11.70 9.03 -13.97
N GLN F 45 11.57 8.63 -12.70
CA GLN F 45 11.66 9.56 -11.59
C GLN F 45 13.04 9.54 -10.95
N VAL F 46 13.69 10.69 -10.88
CA VAL F 46 15.04 10.78 -10.36
C VAL F 46 15.15 11.69 -9.14
N CYS F 47 15.56 11.13 -8.01
CA CYS F 47 15.75 11.90 -6.79
C CYS F 47 16.97 12.81 -6.89
N ALA F 48 16.82 14.05 -6.46
CA ALA F 48 17.91 15.00 -6.48
C ALA F 48 18.00 15.78 -5.18
N ASN F 49 19.20 16.26 -4.87
CA ASN F 49 19.45 17.04 -3.67
C ASN F 49 18.85 18.45 -3.79
N PRO F 50 17.90 18.78 -2.89
CA PRO F 50 17.21 20.08 -2.93
C PRO F 50 18.14 21.27 -2.75
N GLU F 51 19.31 21.04 -2.15
CA GLU F 51 20.25 22.13 -1.87
C GLU F 51 21.17 22.46 -3.04
N LYS F 52 21.31 21.53 -3.97
CA LYS F 52 22.23 21.71 -5.09
C LYS F 52 21.77 22.84 -6.00
N LYS F 53 22.74 23.60 -6.51
CA LYS F 53 22.46 24.78 -7.33
C LYS F 53 21.72 24.42 -8.62
N TRP F 54 22.17 23.36 -9.28
CA TRP F 54 21.57 22.98 -10.56
C TRP F 54 20.13 22.51 -10.37
N VAL F 55 19.85 21.93 -9.21
CA VAL F 55 18.50 21.46 -8.91
C VAL F 55 17.55 22.63 -8.76
N ARG F 56 17.96 23.63 -7.98
CA ARG F 56 17.12 24.81 -7.75
C ARG F 56 16.91 25.60 -9.04
N GLU F 57 17.93 25.62 -9.90
CA GLU F 57 17.85 26.34 -11.17
C GLU F 57 16.92 25.62 -12.15
N TYR F 58 16.97 24.30 -12.13
CA TYR F 58 16.07 23.50 -12.97
C TYR F 58 14.62 23.76 -12.58
N ILE F 59 14.37 23.72 -11.28
CA ILE F 59 13.04 23.97 -10.74
C ILE F 59 12.57 25.37 -11.13
N ASN F 60 13.43 26.35 -10.90
CA ASN F 60 13.13 27.74 -11.24
C ASN F 60 12.87 27.88 -12.73
N SER F 61 13.60 27.13 -13.54
CA SER F 61 13.40 27.11 -14.98
C SER F 61 12.02 26.53 -15.32
N LEU F 62 11.65 25.45 -14.62
CA LEU F 62 10.40 24.76 -14.90
C LEU F 62 9.19 25.58 -14.49
N GLU F 63 9.29 26.30 -13.37
CA GLU F 63 8.19 27.10 -12.86
C GLU F 63 8.00 28.38 -13.65
N MET F 64 9.11 29.01 -14.04
CA MET F 64 9.06 30.25 -14.81
C MET F 64 9.20 29.95 -16.31
N SER F 65 8.07 29.69 -16.96
CA SER F 65 8.08 29.39 -18.40
C SER F 65 6.68 29.55 -19.00
N SER G 1 9.67 -29.13 -14.32
CA SER G 1 8.45 -29.90 -14.18
C SER G 1 8.74 -31.34 -13.81
N SER G 2 9.71 -31.94 -14.51
CA SER G 2 10.16 -33.28 -14.18
C SER G 2 11.12 -33.22 -12.98
N ASP G 3 11.52 -32.03 -12.57
CA ASP G 3 12.44 -31.90 -11.44
C ASP G 3 11.72 -32.02 -10.10
N THR G 4 12.36 -32.65 -9.12
CA THR G 4 11.74 -32.78 -7.81
C THR G 4 11.53 -31.39 -7.21
N THR G 5 10.56 -31.27 -6.31
CA THR G 5 10.39 -30.03 -5.57
C THR G 5 10.26 -30.37 -4.08
N PRO G 6 10.85 -29.54 -3.21
CA PRO G 6 10.82 -29.83 -1.77
C PRO G 6 9.44 -29.59 -1.17
N CYS G 7 8.95 -30.57 -0.42
CA CYS G 7 7.70 -30.43 0.31
C CYS G 7 7.93 -30.67 1.80
N CYS G 8 7.06 -30.08 2.63
CA CYS G 8 7.14 -30.26 4.07
C CYS G 8 5.88 -30.98 4.54
N PHE G 9 6.05 -31.84 5.54
CA PHE G 9 4.92 -32.62 6.04
C PHE G 9 4.77 -32.47 7.55
N ALA G 10 5.61 -31.61 8.13
CA ALA G 10 5.50 -31.25 9.54
C ALA G 10 6.38 -30.04 9.83
N TYR G 11 6.24 -29.50 11.04
CA TYR G 11 7.04 -28.35 11.47
C TYR G 11 7.51 -28.54 12.90
N ILE G 12 8.75 -28.18 13.20
CA ILE G 12 9.21 -28.22 14.58
C ILE G 12 8.56 -27.07 15.33
N ALA G 13 8.26 -27.30 16.61
CA ALA G 13 7.55 -26.30 17.41
C ALA G 13 8.45 -25.13 17.76
N ARG G 14 9.63 -25.44 18.32
CA ARG G 14 10.57 -24.42 18.74
C ARG G 14 11.13 -23.65 17.55
N PRO G 15 10.91 -22.32 17.54
CA PRO G 15 11.47 -21.45 16.52
C PRO G 15 12.99 -21.46 16.55
N LEU G 16 13.62 -21.62 15.39
CA LEU G 16 15.07 -21.55 15.30
C LEU G 16 15.49 -20.08 15.42
N PRO G 17 16.73 -19.84 15.87
CA PRO G 17 17.21 -18.47 16.09
C PRO G 17 17.24 -17.61 14.83
N ARG G 18 16.57 -16.46 14.88
CA ARG G 18 16.48 -15.52 13.77
C ARG G 18 17.84 -15.19 13.15
N ALA G 19 18.85 -15.02 14.00
CA ALA G 19 20.17 -14.59 13.54
C ALA G 19 20.86 -15.63 12.66
N HIS G 20 20.39 -16.88 12.73
CA HIS G 20 21.02 -17.97 11.99
C HIS G 20 20.50 -18.07 10.56
N ILE G 21 19.31 -17.52 10.33
CA ILE G 21 18.66 -17.61 9.03
C ILE G 21 19.21 -16.60 8.04
N LYS G 22 19.55 -17.07 6.83
CA LYS G 22 20.04 -16.16 5.80
C LYS G 22 19.00 -15.96 4.70
N GLU G 23 18.11 -16.92 4.51
CA GLU G 23 17.07 -16.80 3.48
C GLU G 23 15.89 -17.72 3.77
N TYR G 24 14.83 -17.56 2.98
CA TYR G 24 13.64 -18.39 3.12
C TYR G 24 12.98 -18.59 1.75
N PHE G 25 12.07 -19.55 1.68
CA PHE G 25 11.24 -19.71 0.49
C PHE G 25 9.97 -20.49 0.80
N TYR G 26 8.97 -20.33 -0.06
CA TYR G 26 7.73 -21.10 0.05
C TYR G 26 7.87 -22.39 -0.72
N THR G 27 7.32 -23.47 -0.18
CA THR G 27 7.28 -24.71 -0.94
C THR G 27 6.21 -24.55 -2.02
N SER G 28 6.29 -25.37 -3.06
CA SER G 28 5.32 -25.31 -4.15
C SER G 28 3.90 -25.46 -3.65
N GLY G 29 2.96 -24.79 -4.33
CA GLY G 29 1.56 -24.89 -3.99
C GLY G 29 1.01 -26.27 -4.35
N LYS G 30 1.80 -27.02 -5.10
CA LYS G 30 1.47 -28.40 -5.44
C LYS G 30 1.61 -29.33 -4.24
N CYS G 31 2.43 -28.94 -3.27
CA CYS G 31 2.61 -29.72 -2.05
C CYS G 31 1.30 -29.76 -1.27
N SER G 32 1.01 -30.91 -0.66
CA SER G 32 -0.23 -31.10 0.09
C SER G 32 -0.32 -30.18 1.29
N ASN G 33 0.83 -29.79 1.84
CA ASN G 33 0.86 -28.90 2.99
C ASN G 33 1.59 -27.60 2.69
N PRO G 34 0.93 -26.46 2.96
CA PRO G 34 1.57 -25.16 2.78
C PRO G 34 2.71 -25.00 3.77
N ALA G 35 3.85 -24.52 3.32
CA ALA G 35 5.01 -24.43 4.20
C ALA G 35 6.03 -23.38 3.77
N VAL G 36 6.77 -22.90 4.76
CA VAL G 36 7.90 -22.02 4.52
C VAL G 36 9.15 -22.76 4.99
N VAL G 37 10.23 -22.64 4.22
CA VAL G 37 11.49 -23.26 4.59
C VAL G 37 12.55 -22.21 4.90
N PHE G 38 13.04 -22.21 6.13
CA PHE G 38 14.12 -21.31 6.52
C PHE G 38 15.48 -21.96 6.28
N VAL G 39 16.37 -21.23 5.63
CA VAL G 39 17.70 -21.73 5.32
C VAL G 39 18.75 -20.99 6.15
N THR G 40 19.49 -21.74 6.96
CA THR G 40 20.46 -21.15 7.87
C THR G 40 21.75 -20.79 7.15
N ARG G 41 22.63 -20.09 7.86
CA ARG G 41 23.91 -19.69 7.31
C ARG G 41 24.73 -20.89 6.85
N LYS G 42 24.70 -21.96 7.63
CA LYS G 42 25.42 -23.18 7.25
C LYS G 42 24.51 -24.11 6.45
N ASN G 43 23.42 -23.54 5.95
CA ASN G 43 22.51 -24.20 5.01
C ASN G 43 21.75 -25.38 5.61
N ARG G 44 21.34 -25.25 6.87
CA ARG G 44 20.35 -26.16 7.43
C ARG G 44 18.99 -25.70 6.93
N GLN G 45 18.08 -26.62 6.69
CA GLN G 45 16.78 -26.24 6.19
C GLN G 45 15.66 -26.76 7.08
N VAL G 46 14.85 -25.83 7.57
CA VAL G 46 13.78 -26.15 8.51
C VAL G 46 12.42 -25.78 7.94
N CYS G 47 11.47 -26.71 8.03
CA CYS G 47 10.11 -26.45 7.60
C CYS G 47 9.37 -25.66 8.68
N ALA G 48 8.65 -24.62 8.27
CA ALA G 48 7.93 -23.79 9.22
C ALA G 48 6.48 -23.58 8.78
N ASN G 49 5.59 -23.42 9.76
CA ASN G 49 4.18 -23.18 9.50
C ASN G 49 3.92 -21.70 9.23
N PRO G 50 3.51 -21.37 7.99
CA PRO G 50 3.28 -19.98 7.57
C PRO G 50 2.17 -19.29 8.36
N GLU G 51 1.34 -20.08 9.06
CA GLU G 51 0.24 -19.53 9.83
C GLU G 51 0.68 -19.11 11.23
N LYS G 52 1.93 -19.41 11.57
CA LYS G 52 2.47 -19.05 12.87
C LYS G 52 2.93 -17.60 12.88
N LYS G 53 2.79 -16.94 14.03
CA LYS G 53 3.14 -15.53 14.15
C LYS G 53 4.64 -15.31 13.99
N TRP G 54 5.44 -16.13 14.67
CA TRP G 54 6.89 -15.96 14.65
C TRP G 54 7.44 -16.19 13.25
N VAL G 55 6.77 -17.05 12.49
CA VAL G 55 7.20 -17.33 11.12
C VAL G 55 7.03 -16.10 10.24
N ARG G 56 5.89 -15.43 10.35
CA ARG G 56 5.64 -14.24 9.53
C ARG G 56 6.48 -13.07 10.04
N GLU G 57 6.74 -13.03 11.34
CA GLU G 57 7.65 -12.03 11.89
C GLU G 57 9.03 -12.19 11.25
N TYR G 58 9.50 -13.44 11.18
CA TYR G 58 10.78 -13.75 10.59
C TYR G 58 10.82 -13.33 9.12
N ILE G 59 9.78 -13.68 8.37
CA ILE G 59 9.71 -13.37 6.96
C ILE G 59 9.72 -11.86 6.74
N ASN G 60 8.92 -11.14 7.51
CA ASN G 60 8.91 -9.69 7.46
C ASN G 60 10.30 -9.11 7.72
N SER G 61 10.95 -9.61 8.78
CA SER G 61 12.30 -9.18 9.12
C SER G 61 13.29 -9.46 7.98
N LEU G 62 13.15 -10.61 7.34
CA LEU G 62 14.02 -10.99 6.24
C LEU G 62 13.80 -10.11 5.02
N GLU G 63 12.60 -9.54 4.90
CA GLU G 63 12.26 -8.74 3.74
C GLU G 63 12.62 -7.26 3.93
N MET G 64 12.35 -6.71 5.11
CA MET G 64 12.76 -5.34 5.42
C MET G 64 14.20 -5.33 5.95
N SER G 65 15.12 -5.94 5.20
CA SER G 65 16.51 -6.03 5.63
C SER G 65 17.18 -4.65 5.63
N SER H 1 21.73 -30.58 6.94
CA SER H 1 20.65 -31.50 6.75
C SER H 1 19.32 -30.77 6.69
N SER H 2 18.45 -31.33 5.84
CA SER H 2 17.19 -30.68 5.52
C SER H 2 15.97 -31.47 5.99
N ASP H 3 14.92 -30.74 6.34
CA ASP H 3 13.68 -31.31 6.82
C ASP H 3 12.69 -31.52 5.66
N THR H 4 13.03 -31.01 4.48
CA THR H 4 12.15 -31.13 3.32
C THR H 4 12.27 -32.50 2.65
N THR H 5 11.29 -32.81 1.81
CA THR H 5 11.25 -34.09 1.10
C THR H 5 11.09 -33.86 -0.40
N PRO H 6 11.92 -34.52 -1.21
CA PRO H 6 11.80 -34.41 -2.68
C PRO H 6 10.56 -35.11 -3.21
N CYS H 7 9.60 -34.34 -3.71
CA CYS H 7 8.38 -34.91 -4.28
C CYS H 7 8.23 -34.61 -5.76
N CYS H 8 7.52 -35.48 -6.48
CA CYS H 8 7.29 -35.30 -7.91
C CYS H 8 5.83 -35.00 -8.19
N PHE H 9 5.59 -34.24 -9.26
CA PHE H 9 4.23 -33.93 -9.67
C PHE H 9 4.06 -34.10 -11.17
N ALA H 10 5.16 -34.44 -11.84
CA ALA H 10 5.14 -34.72 -13.26
C ALA H 10 6.23 -35.72 -13.63
N TYR H 11 5.97 -36.52 -14.67
CA TYR H 11 6.92 -37.51 -15.15
C TYR H 11 7.54 -37.05 -16.46
N ILE H 12 8.85 -37.23 -16.61
CA ILE H 12 9.52 -36.86 -17.84
C ILE H 12 8.95 -37.67 -19.01
N ALA H 13 8.88 -37.05 -20.19
CA ALA H 13 8.25 -37.67 -21.34
C ALA H 13 9.23 -38.52 -22.13
N ARG H 14 10.39 -37.94 -22.43
CA ARG H 14 11.43 -38.66 -23.17
C ARG H 14 12.35 -39.38 -22.19
N PRO H 15 12.50 -40.71 -22.39
CA PRO H 15 13.39 -41.52 -21.55
C PRO H 15 14.80 -40.95 -21.51
N LEU H 16 15.35 -40.80 -20.31
CA LEU H 16 16.71 -40.33 -20.15
C LEU H 16 17.70 -41.28 -20.79
N PRO H 17 18.79 -40.74 -21.34
CA PRO H 17 19.88 -41.60 -21.81
C PRO H 17 20.52 -42.34 -20.64
N ARG H 18 20.50 -43.68 -20.70
CA ARG H 18 20.96 -44.52 -19.60
C ARG H 18 22.34 -44.15 -19.07
N ALA H 19 23.24 -43.78 -19.96
CA ALA H 19 24.62 -43.48 -19.60
C ALA H 19 24.73 -42.18 -18.80
N HIS H 20 23.65 -41.41 -18.74
CA HIS H 20 23.64 -40.17 -17.98
C HIS H 20 23.24 -40.40 -16.54
N ILE H 21 22.63 -41.56 -16.28
CA ILE H 21 22.08 -41.84 -14.96
C ILE H 21 23.09 -42.43 -14.00
N LYS H 22 23.27 -41.75 -12.87
CA LYS H 22 24.21 -42.14 -11.84
C LYS H 22 23.55 -43.05 -10.81
N GLU H 23 22.40 -42.65 -10.30
CA GLU H 23 21.65 -43.47 -9.34
C GLU H 23 20.16 -43.19 -9.41
N TYR H 24 19.40 -43.87 -8.56
CA TYR H 24 17.95 -43.69 -8.51
C TYR H 24 17.46 -43.77 -7.08
N PHE H 25 16.20 -43.37 -6.87
CA PHE H 25 15.52 -43.66 -5.62
C PHE H 25 14.01 -43.47 -5.76
N TYR H 26 13.26 -44.07 -4.84
CA TYR H 26 11.81 -43.90 -4.79
C TYR H 26 11.49 -42.71 -3.90
N THR H 27 10.55 -41.88 -4.33
CA THR H 27 10.14 -40.74 -3.52
C THR H 27 9.42 -41.24 -2.29
N SER H 28 9.46 -40.45 -1.22
CA SER H 28 8.86 -40.83 0.05
C SER H 28 7.40 -41.21 -0.09
N GLY H 29 6.91 -42.05 0.81
CA GLY H 29 5.51 -42.41 0.83
C GLY H 29 4.65 -41.24 1.26
N LYS H 30 5.30 -40.22 1.81
CA LYS H 30 4.61 -39.00 2.22
C LYS H 30 4.14 -38.19 1.01
N CYS H 31 4.89 -38.27 -0.09
CA CYS H 31 4.50 -37.59 -1.32
C CYS H 31 3.15 -38.13 -1.80
N SER H 32 2.32 -37.25 -2.33
CA SER H 32 0.99 -37.64 -2.79
C SER H 32 1.06 -38.50 -4.05
N ASN H 33 2.13 -38.33 -4.83
CA ASN H 33 2.32 -39.10 -6.04
C ASN H 33 3.49 -40.06 -5.94
N PRO H 34 3.27 -41.31 -6.35
CA PRO H 34 4.38 -42.25 -6.45
C PRO H 34 5.30 -41.82 -7.59
N ALA H 35 6.60 -42.04 -7.44
CA ALA H 35 7.53 -41.63 -8.47
C ALA H 35 8.90 -42.27 -8.31
N VAL H 36 9.64 -42.33 -9.41
CA VAL H 36 11.03 -42.72 -9.38
C VAL H 36 11.86 -41.52 -9.76
N VAL H 37 12.93 -41.27 -9.01
CA VAL H 37 13.82 -40.18 -9.33
C VAL H 37 15.17 -40.71 -9.77
N PHE H 38 15.58 -40.33 -10.97
CA PHE H 38 16.92 -40.67 -11.45
C PHE H 38 17.85 -39.49 -11.21
N VAL H 39 19.05 -39.78 -10.72
CA VAL H 39 20.05 -38.74 -10.51
C VAL H 39 21.08 -38.82 -11.62
N THR H 40 21.24 -37.71 -12.34
CA THR H 40 22.14 -37.68 -13.49
C THR H 40 23.57 -37.41 -13.05
N ARG H 41 24.50 -37.60 -13.98
CA ARG H 41 25.93 -37.38 -13.71
C ARG H 41 26.17 -35.91 -13.36
N LYS H 42 25.32 -35.04 -13.89
CA LYS H 42 25.39 -33.61 -13.59
C LYS H 42 24.60 -33.29 -12.33
N ASN H 43 24.26 -34.34 -11.58
CA ASN H 43 23.59 -34.22 -10.28
C ASN H 43 22.21 -33.55 -10.34
N ARG H 44 21.48 -33.78 -11.43
CA ARG H 44 20.11 -33.28 -11.50
C ARG H 44 19.14 -34.42 -11.18
N GLN H 45 18.00 -34.07 -10.59
CA GLN H 45 17.02 -35.07 -10.21
C GLN H 45 15.80 -35.04 -11.14
N VAL H 46 15.53 -36.18 -11.77
CA VAL H 46 14.48 -36.28 -12.77
C VAL H 46 13.37 -37.25 -12.36
N CYS H 47 12.16 -36.74 -12.18
CA CYS H 47 11.00 -37.58 -11.87
C CYS H 47 10.58 -38.42 -13.07
N ALA H 48 10.30 -39.69 -12.82
CA ALA H 48 9.87 -40.59 -13.89
C ALA H 48 8.71 -41.45 -13.43
N ASN H 49 7.90 -41.90 -14.38
CA ASN H 49 6.76 -42.76 -14.11
C ASN H 49 7.20 -44.17 -13.73
N PRO H 50 6.88 -44.60 -12.51
CA PRO H 50 7.32 -45.91 -12.02
C PRO H 50 6.70 -47.08 -12.79
N GLU H 51 5.66 -46.83 -13.57
CA GLU H 51 5.00 -47.89 -14.33
C GLU H 51 5.66 -48.15 -15.68
N LYS H 52 6.37 -47.16 -16.21
CA LYS H 52 6.98 -47.26 -17.54
C LYS H 52 8.05 -48.36 -17.58
N LYS H 53 8.09 -49.09 -18.68
CA LYS H 53 9.02 -50.20 -18.82
C LYS H 53 10.48 -49.75 -18.73
N TRP H 54 10.82 -48.66 -19.40
CA TRP H 54 12.20 -48.20 -19.43
C TRP H 54 12.68 -47.79 -18.05
N VAL H 55 11.75 -47.27 -17.24
CA VAL H 55 12.06 -46.87 -15.88
C VAL H 55 12.41 -48.09 -15.04
N ARG H 56 11.57 -49.12 -15.12
CA ARG H 56 11.78 -50.35 -14.37
C ARG H 56 13.04 -51.07 -14.81
N GLU H 57 13.35 -51.01 -16.10
CA GLU H 57 14.56 -51.63 -16.65
C GLU H 57 15.80 -50.92 -16.15
N TYR H 58 15.75 -49.59 -16.09
CA TYR H 58 16.87 -48.81 -15.60
C TYR H 58 17.16 -49.12 -14.14
N ILE H 59 16.10 -49.18 -13.33
CA ILE H 59 16.22 -49.51 -11.93
C ILE H 59 16.82 -50.90 -11.77
N ASN H 60 16.30 -51.85 -12.53
CA ASN H 60 16.81 -53.21 -12.52
C ASN H 60 18.29 -53.25 -12.91
N SER H 61 18.65 -52.41 -13.86
CA SER H 61 20.05 -52.29 -14.28
C SER H 61 20.92 -51.78 -13.14
N LEU H 62 20.44 -50.75 -12.45
CA LEU H 62 21.20 -50.12 -11.39
C LEU H 62 21.38 -51.02 -10.17
N GLU H 63 20.35 -51.81 -9.87
CA GLU H 63 20.37 -52.67 -8.69
C GLU H 63 21.17 -53.95 -8.91
N MET H 64 21.18 -54.44 -10.15
CA MET H 64 21.81 -55.73 -10.45
C MET H 64 23.19 -55.58 -11.09
N SER H 65 23.77 -54.39 -11.01
CA SER H 65 25.07 -54.15 -11.60
C SER H 65 26.17 -54.85 -10.81
N SER I 1 18.88 -43.49 -1.88
CA SER I 1 18.26 -42.63 -0.90
C SER I 1 17.19 -43.38 -0.11
N SER I 2 16.80 -42.76 0.99
CA SER I 2 15.94 -43.41 1.98
C SER I 2 14.86 -42.49 2.51
N ASP I 3 13.68 -43.04 2.78
CA ASP I 3 12.60 -42.24 3.35
C ASP I 3 12.38 -42.56 4.82
N THR I 4 13.40 -43.11 5.48
CA THR I 4 13.40 -43.19 6.93
C THR I 4 13.86 -41.86 7.49
N THR I 5 13.37 -41.51 8.66
CA THR I 5 13.76 -40.26 9.30
C THR I 5 14.49 -40.53 10.62
N PRO I 6 15.67 -39.92 10.79
CA PRO I 6 16.39 -40.05 12.07
C PRO I 6 15.69 -39.28 13.18
N CYS I 7 15.28 -39.99 14.23
CA CYS I 7 14.61 -39.36 15.36
C CYS I 7 15.37 -39.63 16.66
N CYS I 8 15.17 -38.76 17.64
CA CYS I 8 15.77 -38.92 18.96
C CYS I 8 14.69 -39.10 20.01
N PHE I 9 14.97 -39.91 21.01
CA PHE I 9 14.00 -40.17 22.07
C PHE I 9 14.60 -39.95 23.45
N ALA I 10 15.83 -39.48 23.46
CA ALA I 10 16.54 -39.17 24.70
C ALA I 10 17.78 -38.35 24.38
N TYR I 11 18.29 -37.63 25.37
CA TYR I 11 19.44 -36.76 25.14
C TYR I 11 20.63 -37.12 26.02
N ILE I 12 21.82 -36.91 25.49
CA ILE I 12 23.04 -37.02 26.27
C ILE I 12 23.02 -35.91 27.33
N ALA I 13 23.54 -36.21 28.51
CA ALA I 13 23.54 -35.23 29.59
C ALA I 13 24.81 -34.40 29.57
N ARG I 14 25.94 -35.08 29.41
CA ARG I 14 27.24 -34.43 29.39
C ARG I 14 27.54 -33.84 28.02
N PRO I 15 27.82 -32.53 27.97
CA PRO I 15 28.22 -31.85 26.74
C PRO I 15 29.46 -32.49 26.11
N LEU I 16 29.38 -32.84 24.83
CA LEU I 16 30.51 -33.43 24.13
C LEU I 16 31.47 -32.31 23.71
N PRO I 17 32.75 -32.65 23.48
CA PRO I 17 33.76 -31.64 23.13
C PRO I 17 33.44 -30.86 21.85
N ARG I 18 33.24 -29.55 21.99
CA ARG I 18 32.92 -28.66 20.88
C ARG I 18 33.81 -28.85 19.66
N ALA I 19 35.11 -29.05 19.91
CA ALA I 19 36.08 -29.14 18.83
C ALA I 19 35.90 -30.41 17.98
N HIS I 20 35.18 -31.39 18.50
CA HIS I 20 34.97 -32.64 17.79
C HIS I 20 33.82 -32.54 16.80
N ILE I 21 32.95 -31.57 17.01
CA ILE I 21 31.77 -31.39 16.19
C ILE I 21 32.07 -30.65 14.89
N LYS I 22 31.68 -31.25 13.76
CA LYS I 22 31.87 -30.60 12.47
C LYS I 22 30.56 -29.99 11.96
N GLU I 23 29.43 -30.53 12.41
CA GLU I 23 28.13 -29.99 12.01
C GLU I 23 27.00 -30.42 12.95
N TYR I 24 25.83 -29.83 12.76
CA TYR I 24 24.63 -30.18 13.50
C TYR I 24 23.44 -30.22 12.56
N PHE I 25 22.30 -30.71 13.05
CA PHE I 25 21.03 -30.52 12.35
C PHE I 25 19.85 -30.74 13.28
N TYR I 26 18.74 -30.08 12.97
CA TYR I 26 17.49 -30.30 13.69
C TYR I 26 16.81 -31.55 13.13
N THR I 27 16.30 -32.40 14.01
CA THR I 27 15.54 -33.56 13.55
C THR I 27 14.21 -33.09 12.99
N SER I 28 13.61 -33.89 12.12
CA SER I 28 12.37 -33.54 11.44
C SER I 28 11.24 -33.24 12.41
N GLY I 29 10.25 -32.48 11.93
CA GLY I 29 9.09 -32.17 12.72
C GLY I 29 8.16 -33.37 12.86
N LYS I 30 8.40 -34.40 12.06
CA LYS I 30 7.64 -35.64 12.17
C LYS I 30 7.96 -36.34 13.47
N CYS I 31 9.18 -36.12 13.97
CA CYS I 31 9.63 -36.77 15.19
C CYS I 31 8.83 -36.29 16.39
N SER I 32 8.47 -37.22 17.27
CA SER I 32 7.67 -36.90 18.44
C SER I 32 8.44 -36.05 19.45
N ASN I 33 9.75 -36.24 19.49
CA ASN I 33 10.60 -35.47 20.41
C ASN I 33 11.53 -34.53 19.66
N PRO I 34 11.35 -33.21 19.87
CA PRO I 34 12.24 -32.23 19.25
C PRO I 34 13.67 -32.44 19.74
N ALA I 35 14.63 -32.35 18.84
CA ALA I 35 16.01 -32.63 19.21
C ALA I 35 16.99 -32.01 18.24
N VAL I 36 18.25 -32.00 18.67
CA VAL I 36 19.37 -31.56 17.84
C VAL I 36 20.36 -32.71 17.76
N VAL I 37 20.88 -32.97 16.56
CA VAL I 37 21.90 -33.99 16.41
C VAL I 37 23.23 -33.36 16.09
N PHE I 38 24.22 -33.61 16.93
CA PHE I 38 25.58 -33.16 16.65
C PHE I 38 26.35 -34.27 15.95
N VAL I 39 27.08 -33.90 14.90
CA VAL I 39 27.87 -34.86 14.14
C VAL I 39 29.35 -34.55 14.31
N THR I 40 30.11 -35.55 14.75
CA THR I 40 31.54 -35.36 14.98
C THR I 40 32.32 -35.62 13.69
N ARG I 41 33.62 -35.33 13.72
CA ARG I 41 34.47 -35.52 12.55
C ARG I 41 34.48 -36.96 12.06
N LYS I 42 34.47 -37.90 13.00
CA LYS I 42 34.47 -39.31 12.66
C LYS I 42 33.04 -39.85 12.55
N ASN I 43 32.11 -38.91 12.46
CA ASN I 43 30.69 -39.20 12.26
C ASN I 43 30.02 -39.97 13.40
N ARG I 44 30.43 -39.70 14.63
CA ARG I 44 29.60 -40.08 15.76
C ARG I 44 28.42 -39.13 15.74
N GLN I 45 27.22 -39.61 16.08
CA GLN I 45 26.06 -38.74 16.09
C GLN I 45 25.36 -38.78 17.44
N VAL I 46 25.21 -37.61 18.04
CA VAL I 46 24.69 -37.49 19.39
C VAL I 46 23.41 -36.66 19.45
N CYS I 47 22.38 -37.20 20.07
CA CYS I 47 21.13 -36.48 20.28
C CYS I 47 21.27 -35.47 21.42
N ALA I 48 20.77 -34.26 21.20
CA ALA I 48 20.89 -33.20 22.19
C ALA I 48 19.58 -32.43 22.36
N ASN I 49 19.39 -31.87 23.56
CA ASN I 49 18.19 -31.11 23.88
C ASN I 49 18.38 -29.63 23.56
N PRO I 50 17.61 -29.13 22.57
CA PRO I 50 17.73 -27.73 22.13
C PRO I 50 17.33 -26.72 23.21
N GLU I 51 16.70 -27.19 24.28
CA GLU I 51 16.32 -26.32 25.38
C GLU I 51 17.49 -26.09 26.33
N LYS I 52 18.55 -26.87 26.18
CA LYS I 52 19.74 -26.70 27.01
C LYS I 52 20.67 -25.65 26.43
N LYS I 53 21.24 -24.83 27.30
CA LYS I 53 22.07 -23.70 26.89
C LYS I 53 23.26 -24.11 26.03
N TRP I 54 24.04 -25.06 26.51
CA TRP I 54 25.27 -25.46 25.83
C TRP I 54 24.97 -25.94 24.42
N VAL I 55 23.79 -26.55 24.24
CA VAL I 55 23.35 -26.96 22.93
C VAL I 55 23.15 -25.75 22.04
N ARG I 56 22.38 -24.77 22.53
CA ARG I 56 22.14 -23.54 21.78
C ARG I 56 23.43 -22.81 21.45
N GLU I 57 24.32 -22.73 22.44
CA GLU I 57 25.61 -22.06 22.23
C GLU I 57 26.42 -22.77 21.17
N TYR I 58 26.40 -24.10 21.19
CA TYR I 58 27.11 -24.89 20.19
C TYR I 58 26.57 -24.61 18.80
N ILE I 59 25.25 -24.59 18.68
CA ILE I 59 24.60 -24.31 17.41
C ILE I 59 24.94 -22.91 16.93
N ASN I 60 24.84 -21.94 17.84
CA ASN I 60 25.19 -20.55 17.53
C ASN I 60 26.64 -20.46 17.05
N SER I 61 27.52 -21.22 17.70
CA SER I 61 28.92 -21.26 17.34
C SER I 61 29.13 -21.83 15.94
N LEU I 62 28.37 -22.87 15.61
CA LEU I 62 28.50 -23.53 14.31
C LEU I 62 27.97 -22.67 13.17
N GLU I 63 26.82 -22.05 13.39
CA GLU I 63 26.19 -21.22 12.35
C GLU I 63 26.98 -19.94 12.09
N MET I 64 27.50 -19.32 13.14
CA MET I 64 28.24 -18.07 13.00
C MET I 64 29.69 -18.30 12.63
N SER I 65 30.01 -19.52 12.21
CA SER I 65 31.35 -19.89 11.76
C SER I 65 32.42 -19.57 12.82
#